data_6K3N
#
_entry.id   6K3N
#
_cell.length_a   63.666
_cell.length_b   63.666
_cell.length_c   132.212
_cell.angle_alpha   90.00
_cell.angle_beta   90.00
_cell.angle_gamma   90.00
#
_symmetry.space_group_name_H-M   'P 41 21 2'
#
loop_
_entity.id
_entity.type
_entity.pdbx_description
1 polymer 'Estrogen-related receptor gamma'
2 non-polymer 2-fluoranyl-4-[2-(4-hydroxyphenyl)propan-2-yl]phenol
3 water water
#
_entity_poly.entity_id   1
_entity_poly.type   'polypeptide(L)'
_entity_poly.pdbx_seq_one_letter_code
;KPYNKIVSHLLVAEPEKIYAMPDPTVPDSDIKALTTLCDLADRELVVIIGWAKHIPGFSTLSLADQMSLLQSAWMEILIL
GVVYRSLSFEDELVYADDYIMDEDQSKLAGLLDLNNAILQLVKKYKSMKLEKEEFVTLKAIALANSDSMHIEDVEAVQKL
QDVLHEALQDYEAGQHMEDPRRAGKMLMTLPLLRQTSTKAVQHFYNIKLEGKVPMHKLFLEMLEAKV
;
_entity_poly.pdbx_strand_id   A
#
# COMPACT_ATOMS: atom_id res chain seq x y z
N LYS A 1 -7.91 -19.35 -20.05
CA LYS A 1 -7.08 -20.32 -19.23
C LYS A 1 -5.58 -20.00 -18.93
N PRO A 2 -4.81 -19.31 -19.85
CA PRO A 2 -3.37 -18.99 -19.53
C PRO A 2 -3.21 -18.00 -18.32
N TYR A 3 -3.87 -16.84 -18.38
CA TYR A 3 -4.54 -16.18 -17.22
C TYR A 3 -4.89 -14.72 -17.46
N ASN A 4 -5.32 -14.01 -16.42
CA ASN A 4 -5.95 -12.72 -16.61
C ASN A 4 -4.98 -11.62 -17.07
N LYS A 5 -5.31 -10.90 -18.13
CA LYS A 5 -4.35 -9.93 -18.68
C LYS A 5 -4.07 -8.80 -17.75
N ILE A 6 -5.10 -8.23 -17.12
CA ILE A 6 -4.88 -7.11 -16.14
C ILE A 6 -3.89 -7.54 -15.07
N VAL A 7 -3.96 -8.78 -14.63
CA VAL A 7 -3.07 -9.25 -13.55
C VAL A 7 -1.64 -9.37 -14.09
N SER A 8 -1.52 -9.85 -15.34
CA SER A 8 -0.25 -9.91 -16.05
C SER A 8 0.38 -8.56 -16.18
N HIS A 9 -0.44 -7.60 -16.62
CA HIS A 9 -0.05 -6.25 -16.86
C HIS A 9 0.39 -5.61 -15.54
N LEU A 10 -0.42 -5.72 -14.50
CA LEU A 10 0.01 -5.22 -13.18
C LEU A 10 1.34 -5.81 -12.73
N LEU A 11 1.53 -7.11 -12.96
CA LEU A 11 2.82 -7.73 -12.62
C LEU A 11 4.00 -7.02 -13.30
N VAL A 12 3.87 -6.69 -14.58
CA VAL A 12 5.08 -6.25 -15.28
C VAL A 12 5.25 -4.81 -15.01
N ALA A 13 4.18 -4.18 -14.51
CA ALA A 13 4.27 -2.77 -14.17
C ALA A 13 4.77 -2.53 -12.75
N GLU A 14 4.98 -3.63 -12.01
CA GLU A 14 5.45 -3.57 -10.61
C GLU A 14 6.83 -2.85 -10.54
N PRO A 15 6.89 -1.71 -9.86
CA PRO A 15 8.17 -1.01 -9.74
C PRO A 15 9.27 -1.85 -9.12
N GLU A 16 10.51 -1.49 -9.43
CA GLU A 16 11.68 -2.15 -8.86
C GLU A 16 11.81 -1.81 -7.36
N LYS A 17 12.55 -2.66 -6.63
CA LYS A 17 12.78 -2.51 -5.17
C LYS A 17 13.47 -1.18 -4.94
N ILE A 18 13.20 -0.42 -3.88
CA ILE A 18 14.09 0.66 -3.56
C ILE A 18 14.69 0.62 -2.13
N TYR A 19 15.92 1.14 -2.01
CA TYR A 19 16.62 1.13 -0.76
C TYR A 19 16.26 2.28 0.17
N ALA A 20 16.22 1.96 1.47
CA ALA A 20 15.98 2.95 2.49
C ALA A 20 17.23 3.87 2.65
N MET A 21 18.44 3.31 2.59
CA MET A 21 19.68 4.07 2.81
C MET A 21 19.63 4.98 4.06
N PRO A 22 19.45 4.37 5.25
CA PRO A 22 19.54 5.18 6.48
C PRO A 22 20.93 5.82 6.54
N ASP A 23 21.05 7.08 6.94
CA ASP A 23 22.37 7.79 6.89
C ASP A 23 23.39 7.15 7.85
N PRO A 24 24.45 6.52 7.32
CA PRO A 24 25.30 5.78 8.20
C PRO A 24 26.22 6.74 9.04
N THR A 25 26.12 8.06 8.84
CA THR A 25 26.77 9.05 9.68
C THR A 25 25.90 9.54 10.87
N VAL A 26 24.62 9.13 10.96
CA VAL A 26 23.71 9.76 11.94
C VAL A 26 23.57 8.68 12.98
N PRO A 27 23.64 9.03 14.28
CA PRO A 27 23.44 7.99 15.30
C PRO A 27 21.97 7.50 15.36
N ASP A 28 21.82 6.24 15.68
CA ASP A 28 20.53 5.63 15.69
C ASP A 28 19.67 6.37 16.72
N SER A 29 18.42 6.61 16.40
CA SER A 29 17.53 7.25 17.32
C SER A 29 16.18 7.17 16.67
N ASP A 30 15.14 7.48 17.47
CA ASP A 30 13.78 7.49 16.96
C ASP A 30 13.67 8.46 15.80
N ILE A 31 14.39 9.60 15.86
CA ILE A 31 14.23 10.66 14.84
C ILE A 31 14.85 10.11 13.53
N LYS A 32 15.93 9.36 13.70
CA LYS A 32 16.65 8.78 12.55
C LYS A 32 15.78 7.73 11.80
N ALA A 33 15.24 6.78 12.54
CA ALA A 33 14.30 5.83 11.99
C ALA A 33 13.07 6.50 11.37
N LEU A 34 12.47 7.48 12.05
CA LEU A 34 11.29 8.08 11.51
C LEU A 34 11.68 8.92 10.28
N THR A 35 12.83 9.59 10.31
CA THR A 35 13.30 10.37 9.10
C THR A 35 13.53 9.46 7.91
N THR A 36 14.22 8.38 8.18
CA THR A 36 14.48 7.36 7.19
C THR A 36 13.20 6.78 6.58
N LEU A 37 12.29 6.33 7.44
CA LEU A 37 11.00 5.84 6.93
C LEU A 37 10.17 6.83 6.13
N CYS A 38 10.07 8.09 6.56
CA CYS A 38 9.28 9.07 5.80
C CYS A 38 10.03 9.51 4.56
N ASP A 39 11.36 9.49 4.63
CA ASP A 39 12.19 9.66 3.40
C ASP A 39 11.92 8.55 2.31
N LEU A 40 12.04 7.29 2.69
CA LEU A 40 11.67 6.19 1.87
C LEU A 40 10.25 6.33 1.34
N ALA A 41 9.27 6.54 2.21
CA ALA A 41 7.88 6.79 1.76
C ALA A 41 7.84 7.87 0.65
N ASP A 42 8.53 8.98 0.89
CA ASP A 42 8.43 10.06 -0.09
C ASP A 42 8.90 9.59 -1.51
N ARG A 43 9.96 8.79 -1.54
CA ARG A 43 10.48 8.18 -2.76
C ARG A 43 9.55 7.13 -3.34
N GLU A 44 9.00 6.30 -2.46
CA GLU A 44 8.05 5.34 -2.96
C GLU A 44 6.84 6.06 -3.54
N LEU A 45 6.37 7.16 -2.98
CA LEU A 45 5.16 7.78 -3.58
C LEU A 45 5.37 8.26 -5.02
N VAL A 46 6.57 8.80 -5.32
CA VAL A 46 6.94 9.09 -6.74
C VAL A 46 6.72 7.87 -7.62
N VAL A 47 7.27 6.74 -7.21
CA VAL A 47 7.14 5.54 -7.97
C VAL A 47 5.66 5.05 -8.04
N ILE A 48 4.90 5.27 -6.97
CA ILE A 48 3.49 4.85 -6.92
C ILE A 48 2.66 5.64 -7.98
N ILE A 49 2.92 6.95 -8.07
CA ILE A 49 2.26 7.83 -9.00
C ILE A 49 2.54 7.40 -10.41
N GLY A 50 3.79 7.04 -10.68
CA GLY A 50 4.17 6.50 -11.96
C GLY A 50 3.48 5.18 -12.31
N TRP A 51 3.42 4.32 -11.33
CA TRP A 51 2.83 3.04 -11.47
C TRP A 51 1.36 3.15 -11.77
N ALA A 52 0.66 4.13 -11.16
CA ALA A 52 -0.80 4.17 -11.25
C ALA A 52 -1.22 4.35 -12.69
N LYS A 53 -0.40 5.08 -13.46
CA LYS A 53 -0.69 5.33 -14.88
C LYS A 53 -0.74 4.04 -15.68
N HIS A 54 -0.13 2.96 -15.19
CA HIS A 54 -0.30 1.61 -15.78
C HIS A 54 -1.66 0.95 -15.59
N ILE A 55 -2.43 1.41 -14.63
CA ILE A 55 -3.69 0.76 -14.35
C ILE A 55 -4.72 1.18 -15.41
N PRO A 56 -5.35 0.20 -16.07
CA PRO A 56 -6.25 0.51 -17.23
C PRO A 56 -7.37 1.48 -16.83
N GLY A 57 -7.54 2.60 -17.53
CA GLY A 57 -8.61 3.51 -17.21
C GLY A 57 -8.15 4.66 -16.32
N PHE A 58 -7.20 4.38 -15.43
CA PHE A 58 -6.73 5.37 -14.44
C PHE A 58 -6.34 6.72 -15.05
N SER A 59 -5.38 6.69 -16.00
CA SER A 59 -4.80 7.92 -16.59
C SER A 59 -5.87 8.70 -17.41
N THR A 60 -6.97 8.03 -17.71
CA THR A 60 -8.14 8.64 -18.32
C THR A 60 -9.07 9.45 -17.42
N LEU A 61 -8.96 9.31 -16.09
CA LEU A 61 -9.73 10.14 -15.17
C LEU A 61 -9.19 11.54 -15.21
N SER A 62 -9.90 12.51 -14.63
CA SER A 62 -9.37 13.85 -14.43
C SER A 62 -8.14 13.81 -13.53
N LEU A 63 -7.27 14.81 -13.71
CA LEU A 63 -6.08 14.90 -12.90
C LEU A 63 -6.54 14.97 -11.44
N ALA A 64 -7.61 15.74 -11.20
CA ALA A 64 -8.17 15.93 -9.88
C ALA A 64 -8.62 14.60 -9.26
N ASP A 65 -9.34 13.78 -10.01
CA ASP A 65 -9.78 12.44 -9.60
C ASP A 65 -8.60 11.49 -9.44
N GLN A 66 -7.65 11.50 -10.40
CA GLN A 66 -6.35 10.79 -10.15
C GLN A 66 -5.68 11.15 -8.80
N MET A 67 -5.46 12.44 -8.58
CA MET A 67 -4.95 12.94 -7.30
C MET A 67 -5.82 12.56 -6.09
N SER A 68 -7.13 12.68 -6.24
CA SER A 68 -8.02 12.31 -5.15
C SER A 68 -7.88 10.82 -4.76
N LEU A 69 -7.76 9.95 -5.73
CA LEU A 69 -7.64 8.48 -5.47
C LEU A 69 -6.32 8.24 -4.74
N LEU A 70 -5.25 8.74 -5.31
CA LEU A 70 -3.92 8.64 -4.71
C LEU A 70 -3.83 9.27 -3.33
N GLN A 71 -4.46 10.43 -3.12
CA GLN A 71 -4.42 11.04 -1.79
C GLN A 71 -5.17 10.27 -0.78
N SER A 72 -6.21 9.58 -1.20
CA SER A 72 -6.86 8.68 -0.23
C SER A 72 -6.16 7.38 0.00
N ALA A 73 -5.60 6.77 -1.04
CA ALA A 73 -5.12 5.42 -0.94
C ALA A 73 -3.60 5.32 -0.65
N TRP A 74 -2.85 6.43 -0.72
CA TRP A 74 -1.40 6.26 -0.66
C TRP A 74 -0.93 5.41 0.49
N MET A 75 -1.44 5.64 1.70
CA MET A 75 -0.95 4.90 2.82
C MET A 75 -1.26 3.41 2.73
N GLU A 76 -2.46 3.05 2.30
CA GLU A 76 -2.72 1.59 2.14
C GLU A 76 -1.82 0.93 1.06
N ILE A 77 -1.53 1.65 -0.05
CA ILE A 77 -0.50 1.17 -1.00
C ILE A 77 0.89 0.94 -0.35
N LEU A 78 1.33 1.90 0.44
CA LEU A 78 2.65 1.79 1.07
C LEU A 78 2.67 0.58 1.98
N ILE A 79 1.60 0.42 2.73
CA ILE A 79 1.57 -0.64 3.81
C ILE A 79 1.49 -2.02 3.20
N LEU A 80 0.62 -2.20 2.20
CA LEU A 80 0.53 -3.43 1.44
C LEU A 80 1.90 -3.75 0.92
N GLY A 81 2.67 -2.79 0.38
CA GLY A 81 4.09 -3.07 -0.08
C GLY A 81 4.95 -3.67 1.04
N VAL A 82 5.11 -2.99 2.19
CA VAL A 82 5.92 -3.56 3.32
C VAL A 82 5.37 -4.95 3.80
N VAL A 83 4.04 -5.10 3.85
CA VAL A 83 3.41 -6.41 4.12
C VAL A 83 3.84 -7.46 3.14
N TYR A 84 3.79 -7.13 1.83
CA TYR A 84 4.12 -8.13 0.85
C TYR A 84 5.62 -8.49 0.97
N ARG A 85 6.46 -7.48 1.20
CA ARG A 85 7.87 -7.79 1.25
C ARG A 85 8.18 -8.57 2.49
N SER A 86 7.29 -8.52 3.48
CA SER A 86 7.62 -9.22 4.70
C SER A 86 7.12 -10.64 4.81
N LEU A 87 6.45 -11.19 3.79
CA LEU A 87 5.77 -12.49 3.98
C LEU A 87 6.73 -13.67 4.28
N SER A 88 7.98 -13.60 3.83
CA SER A 88 8.93 -14.69 4.04
C SER A 88 9.66 -14.49 5.33
N PHE A 89 9.34 -13.42 6.08
CA PHE A 89 10.05 -13.14 7.29
C PHE A 89 9.14 -13.47 8.47
N GLU A 90 9.71 -13.45 9.68
CA GLU A 90 8.96 -13.83 10.89
C GLU A 90 9.22 -12.76 11.87
N ASP A 91 8.17 -11.97 12.15
CA ASP A 91 8.09 -10.89 13.13
C ASP A 91 8.95 -9.74 12.81
N GLU A 92 9.14 -9.48 11.52
CA GLU A 92 10.05 -8.45 11.07
C GLU A 92 9.38 -7.83 9.87
N LEU A 93 9.53 -6.51 9.71
CA LEU A 93 8.94 -5.84 8.53
C LEU A 93 10.03 -5.27 7.58
N VAL A 94 9.99 -5.71 6.33
CA VAL A 94 11.01 -5.41 5.33
C VAL A 94 10.62 -4.12 4.68
N TYR A 95 10.79 -2.99 5.38
CA TYR A 95 10.57 -1.69 4.77
C TYR A 95 11.42 -1.57 3.49
N ALA A 96 12.61 -2.19 3.51
CA ALA A 96 13.49 -2.22 2.29
C ALA A 96 14.48 -3.27 2.59
N ASP A 97 15.20 -3.74 1.56
CA ASP A 97 16.23 -4.77 1.81
C ASP A 97 17.20 -4.33 2.85
N ASP A 98 17.52 -3.04 2.91
CA ASP A 98 18.51 -2.59 3.88
C ASP A 98 17.81 -2.00 5.10
N TYR A 99 16.50 -2.22 5.28
CA TYR A 99 15.80 -1.57 6.43
C TYR A 99 14.72 -2.51 6.95
N ILE A 100 15.13 -3.46 7.79
CA ILE A 100 14.21 -4.49 8.25
C ILE A 100 14.01 -4.22 9.73
N MET A 101 12.78 -3.84 10.13
CA MET A 101 12.48 -3.43 11.50
C MET A 101 12.05 -4.65 12.33
N ASP A 102 12.77 -4.97 13.41
CA ASP A 102 12.23 -5.96 14.34
C ASP A 102 11.50 -5.22 15.48
N GLU A 103 10.90 -6.00 16.39
CA GLU A 103 10.18 -5.44 17.53
C GLU A 103 10.99 -4.40 18.30
N ASP A 104 12.24 -4.72 18.59
CA ASP A 104 13.11 -3.77 19.28
C ASP A 104 13.26 -2.45 18.57
N GLN A 105 13.49 -2.48 17.26
CA GLN A 105 13.49 -1.17 16.55
C GLN A 105 12.10 -0.53 16.47
N SER A 106 11.05 -1.34 16.44
CA SER A 106 9.75 -0.72 16.43
C SER A 106 9.51 0.10 17.69
N LYS A 107 9.81 -0.49 18.85
CA LYS A 107 9.73 0.21 20.18
C LYS A 107 10.56 1.50 20.20
N LEU A 108 11.82 1.41 19.81
CA LEU A 108 12.72 2.58 19.72
C LEU A 108 12.15 3.69 18.87
N ALA A 109 11.43 3.32 17.82
CA ALA A 109 10.90 4.34 16.96
C ALA A 109 9.48 4.89 17.33
N GLY A 110 8.85 4.33 18.37
CA GLY A 110 7.46 4.74 18.78
C GLY A 110 6.44 4.06 17.84
N LEU A 111 6.87 3.01 17.16
CA LEU A 111 6.04 2.41 16.10
C LEU A 111 5.63 0.99 16.50
N LEU A 112 5.83 0.63 17.77
CA LEU A 112 5.51 -0.75 18.17
C LEU A 112 4.07 -1.14 17.89
N ASP A 113 3.09 -0.30 18.26
CA ASP A 113 1.67 -0.65 18.00
C ASP A 113 1.34 -0.68 16.48
N LEU A 114 1.77 0.32 15.71
CA LEU A 114 1.42 0.28 14.26
C LEU A 114 2.10 -0.89 13.59
N ASN A 115 3.40 -1.08 13.87
CA ASN A 115 4.08 -2.21 13.23
C ASN A 115 3.49 -3.51 13.64
N ASN A 116 3.00 -3.57 14.87
CA ASN A 116 2.31 -4.81 15.29
C ASN A 116 1.00 -4.98 14.50
N ALA A 117 0.26 -3.91 14.22
CA ALA A 117 -0.90 -4.06 13.33
C ALA A 117 -0.53 -4.51 11.93
N ILE A 118 0.60 -3.97 11.45
CA ILE A 118 1.04 -4.35 10.10
C ILE A 118 1.45 -5.81 10.14
N LEU A 119 2.05 -6.25 11.24
CA LEU A 119 2.42 -7.65 11.32
C LEU A 119 1.20 -8.59 11.28
N GLN A 120 0.09 -8.10 11.80
CA GLN A 120 -1.21 -8.84 11.79
C GLN A 120 -1.71 -8.97 10.31
N LEU A 121 -1.47 -7.92 9.50
CA LEU A 121 -1.78 -8.04 8.07
C LEU A 121 -0.89 -9.13 7.41
N VAL A 122 0.42 -9.15 7.78
CA VAL A 122 1.32 -10.13 7.22
C VAL A 122 0.88 -11.57 7.60
N LYS A 123 0.53 -11.71 8.87
CA LYS A 123 0.16 -13.02 9.38
C LYS A 123 -1.02 -13.58 8.61
N LYS A 124 -2.05 -12.76 8.41
CA LYS A 124 -3.21 -13.23 7.65
C LYS A 124 -2.81 -13.62 6.20
N TYR A 125 -2.01 -12.78 5.56
CA TYR A 125 -1.67 -13.01 4.17
C TYR A 125 -0.76 -14.20 4.04
N LYS A 126 0.12 -14.41 5.03
CA LYS A 126 0.96 -15.63 5.04
C LYS A 126 0.06 -16.85 5.04
N SER A 127 -0.95 -16.86 5.90
CA SER A 127 -1.83 -18.04 5.97
C SER A 127 -2.59 -18.26 4.69
N MET A 128 -2.97 -17.15 4.05
CA MET A 128 -3.68 -17.22 2.79
C MET A 128 -2.81 -17.53 1.56
N LYS A 129 -1.49 -17.64 1.79
CA LYS A 129 -0.44 -17.68 0.79
C LYS A 129 -0.64 -16.65 -0.31
N LEU A 130 -0.71 -15.40 0.07
CA LEU A 130 -0.87 -14.35 -0.90
C LEU A 130 0.20 -14.44 -1.97
N GLU A 131 -0.22 -14.38 -3.22
CA GLU A 131 0.72 -14.41 -4.37
C GLU A 131 0.99 -13.02 -4.89
N LYS A 132 2.09 -12.85 -5.61
CA LYS A 132 2.43 -11.54 -6.08
C LYS A 132 1.27 -11.05 -6.98
N GLU A 133 0.74 -11.92 -7.81
CA GLU A 133 -0.44 -11.64 -8.69
C GLU A 133 -1.59 -11.03 -7.93
N GLU A 134 -1.88 -11.56 -6.75
CA GLU A 134 -2.94 -10.97 -5.88
C GLU A 134 -2.58 -9.69 -5.22
N PHE A 135 -1.31 -9.60 -4.81
CA PHE A 135 -0.79 -8.43 -4.15
C PHE A 135 -0.91 -7.25 -5.07
N VAL A 136 -0.54 -7.44 -6.34
CA VAL A 136 -0.58 -6.25 -7.23
C VAL A 136 -2.03 -5.80 -7.52
N THR A 137 -2.91 -6.79 -7.60
CA THR A 137 -4.34 -6.55 -7.94
C THR A 137 -4.99 -5.80 -6.76
N LEU A 138 -4.63 -6.23 -5.53
CA LEU A 138 -5.13 -5.65 -4.30
C LEU A 138 -4.63 -4.23 -4.15
N LYS A 139 -3.36 -3.96 -4.53
CA LYS A 139 -2.85 -2.54 -4.51
C LYS A 139 -3.73 -1.69 -5.41
N ALA A 140 -3.99 -2.18 -6.62
CA ALA A 140 -4.78 -1.43 -7.60
C ALA A 140 -6.23 -1.27 -7.09
N ILE A 141 -6.80 -2.31 -6.52
CA ILE A 141 -8.13 -2.19 -5.99
C ILE A 141 -8.22 -1.18 -4.85
N ALA A 142 -7.18 -1.16 -4.02
CA ALA A 142 -7.10 -0.30 -2.87
C ALA A 142 -7.06 1.10 -3.32
N LEU A 143 -6.40 1.31 -4.46
CA LEU A 143 -6.42 2.66 -5.05
C LEU A 143 -7.79 3.06 -5.55
N ALA A 144 -8.44 2.18 -6.30
CA ALA A 144 -9.75 2.52 -6.89
C ALA A 144 -10.86 2.55 -5.86
N ASN A 145 -10.64 1.85 -4.76
CA ASN A 145 -11.69 1.72 -3.71
C ASN A 145 -11.45 2.63 -2.52
N SER A 146 -10.82 3.75 -2.77
CA SER A 146 -10.15 4.37 -1.68
C SER A 146 -11.10 5.29 -0.96
N ASP A 147 -12.30 5.55 -1.48
CA ASP A 147 -13.36 6.23 -0.71
C ASP A 147 -13.05 7.67 -0.49
N SER A 148 -12.37 8.28 -1.46
CA SER A 148 -12.20 9.71 -1.48
C SER A 148 -13.60 10.31 -1.50
N MET A 149 -13.84 11.25 -0.61
CA MET A 149 -15.12 11.95 -0.67
C MET A 149 -15.02 13.18 -1.58
N HIS A 150 -14.13 13.14 -2.58
CA HIS A 150 -13.87 14.26 -3.54
C HIS A 150 -13.94 13.92 -4.98
N ILE A 151 -14.49 12.77 -5.31
CA ILE A 151 -14.52 12.32 -6.70
C ILE A 151 -15.43 13.13 -7.62
N GLU A 152 -14.95 13.54 -8.80
CA GLU A 152 -15.78 14.29 -9.76
C GLU A 152 -16.62 13.32 -10.56
N ASP A 153 -15.96 12.39 -11.24
CA ASP A 153 -16.66 11.39 -12.00
C ASP A 153 -16.90 10.06 -11.19
N VAL A 154 -17.90 10.02 -10.30
CA VAL A 154 -18.17 8.86 -9.43
C VAL A 154 -18.37 7.55 -10.24
N GLU A 155 -19.02 7.71 -11.37
CA GLU A 155 -19.33 6.56 -12.16
C GLU A 155 -18.08 5.98 -12.85
N ALA A 156 -17.15 6.83 -13.31
CA ALA A 156 -15.95 6.29 -13.94
C ALA A 156 -15.01 5.63 -12.87
N VAL A 157 -14.96 6.17 -11.68
CA VAL A 157 -14.21 5.52 -10.60
C VAL A 157 -14.89 4.19 -10.23
N GLN A 158 -16.22 4.13 -10.22
CA GLN A 158 -16.85 2.83 -9.92
CA GLN A 158 -16.90 2.87 -9.93
C GLN A 158 -16.61 1.87 -11.08
N LYS A 159 -16.53 2.36 -12.32
CA LYS A 159 -16.10 1.48 -13.40
C LYS A 159 -14.63 0.93 -13.23
N LEU A 160 -13.69 1.78 -12.79
CA LEU A 160 -12.31 1.34 -12.52
C LEU A 160 -12.30 0.25 -11.42
N GLN A 161 -13.02 0.47 -10.34
CA GLN A 161 -13.30 -0.57 -9.32
C GLN A 161 -13.80 -1.86 -9.97
N ASP A 162 -14.76 -1.78 -10.88
CA ASP A 162 -15.36 -2.98 -11.52
CA ASP A 162 -15.33 -3.01 -11.38
C ASP A 162 -14.34 -3.71 -12.34
N VAL A 163 -13.63 -2.94 -13.16
CA VAL A 163 -12.60 -3.56 -13.97
C VAL A 163 -11.61 -4.37 -13.12
N LEU A 164 -11.19 -3.78 -12.00
CA LEU A 164 -10.14 -4.44 -11.23
C LEU A 164 -10.71 -5.55 -10.42
N HIS A 165 -11.89 -5.34 -9.85
CA HIS A 165 -12.54 -6.49 -9.14
C HIS A 165 -12.73 -7.67 -10.10
N GLU A 166 -13.15 -7.38 -11.32
CA GLU A 166 -13.24 -8.45 -12.32
C GLU A 166 -11.94 -9.19 -12.59
N ALA A 167 -10.82 -8.44 -12.63
CA ALA A 167 -9.55 -9.06 -12.93
C ALA A 167 -9.30 -10.01 -11.74
N LEU A 168 -9.61 -9.56 -10.53
CA LEU A 168 -9.36 -10.45 -9.30
C LEU A 168 -10.24 -11.72 -9.38
N GLN A 169 -11.54 -11.52 -9.63
CA GLN A 169 -12.50 -12.62 -9.76
C GLN A 169 -12.05 -13.65 -10.83
N ASP A 170 -11.66 -13.14 -12.01
CA ASP A 170 -11.19 -14.01 -13.09
CA ASP A 170 -11.11 -13.96 -13.11
C ASP A 170 -9.88 -14.75 -12.78
N TYR A 171 -8.92 -14.04 -12.16
CA TYR A 171 -7.69 -14.65 -11.74
C TYR A 171 -8.02 -15.81 -10.81
N GLU A 172 -8.86 -15.54 -9.83
CA GLU A 172 -9.09 -16.54 -8.81
C GLU A 172 -9.86 -17.68 -9.41
N ALA A 173 -10.75 -17.40 -10.38
CA ALA A 173 -11.61 -18.49 -10.89
C ALA A 173 -10.76 -19.43 -11.75
N GLY A 174 -9.73 -18.88 -12.42
CA GLY A 174 -8.79 -19.70 -13.21
C GLY A 174 -7.69 -20.35 -12.41
N GLN A 175 -7.15 -19.68 -11.39
CA GLN A 175 -5.98 -20.21 -10.71
C GLN A 175 -6.30 -20.89 -9.48
N HIS A 176 -7.47 -20.58 -8.91
CA HIS A 176 -7.71 -21.08 -7.56
C HIS A 176 -9.03 -21.77 -7.48
N MET A 177 -9.17 -22.79 -8.33
CA MET A 177 -10.42 -23.49 -8.48
C MET A 177 -10.79 -24.27 -7.24
N GLU A 178 -9.82 -24.55 -6.38
CA GLU A 178 -9.99 -25.30 -5.13
C GLU A 178 -10.68 -24.39 -4.16
N ASP A 179 -10.69 -23.08 -4.39
CA ASP A 179 -11.46 -22.25 -3.46
C ASP A 179 -12.35 -21.24 -4.20
N PRO A 180 -13.65 -21.58 -4.42
CA PRO A 180 -14.45 -20.66 -5.24
C PRO A 180 -14.67 -19.34 -4.50
N ARG A 181 -14.28 -19.23 -3.24
CA ARG A 181 -14.43 -17.94 -2.52
C ARG A 181 -13.12 -17.20 -2.25
N ARG A 182 -12.07 -17.56 -2.98
CA ARG A 182 -10.75 -16.95 -2.66
C ARG A 182 -10.79 -15.45 -2.98
N ALA A 183 -11.44 -15.05 -4.08
CA ALA A 183 -11.53 -13.61 -4.43
C ALA A 183 -12.15 -12.80 -3.28
N GLY A 184 -13.29 -13.28 -2.79
CA GLY A 184 -13.92 -12.61 -1.67
C GLY A 184 -13.09 -12.56 -0.42
N LYS A 185 -12.33 -13.64 -0.16
CA LYS A 185 -11.44 -13.69 0.93
C LYS A 185 -10.40 -12.58 0.89
N MET A 186 -9.89 -12.39 -0.31
CA MET A 186 -8.91 -11.31 -0.52
C MET A 186 -9.54 -9.98 -0.27
N LEU A 187 -10.75 -9.76 -0.78
CA LEU A 187 -11.41 -8.47 -0.55
C LEU A 187 -11.65 -8.23 0.95
N MET A 188 -11.93 -9.31 1.65
CA MET A 188 -12.17 -9.15 3.09
CA MET A 188 -12.17 -9.25 3.08
C MET A 188 -10.89 -8.88 3.91
N THR A 189 -9.72 -8.82 3.25
CA THR A 189 -8.47 -8.43 3.97
C THR A 189 -8.35 -6.93 3.92
N LEU A 190 -9.13 -6.32 3.06
CA LEU A 190 -9.03 -4.88 2.86
C LEU A 190 -9.50 -4.07 4.09
N PRO A 191 -10.57 -4.51 4.81
CA PRO A 191 -10.83 -3.64 5.97
C PRO A 191 -9.67 -3.50 6.98
N LEU A 192 -8.95 -4.57 7.30
CA LEU A 192 -7.78 -4.41 8.22
C LEU A 192 -6.72 -3.47 7.58
N LEU A 193 -6.62 -3.55 6.25
CA LEU A 193 -5.63 -2.68 5.61
C LEU A 193 -6.09 -1.24 5.84
N ARG A 194 -7.38 -0.93 5.58
CA ARG A 194 -7.91 0.44 5.80
C ARG A 194 -7.75 0.90 7.26
N GLN A 195 -8.17 0.02 8.19
CA GLN A 195 -7.92 0.24 9.63
C GLN A 195 -6.50 0.69 9.99
N THR A 196 -5.52 -0.07 9.50
CA THR A 196 -4.13 0.18 9.87
C THR A 196 -3.63 1.50 9.26
N SER A 197 -3.94 1.66 7.99
CA SER A 197 -3.61 2.87 7.28
CA SER A 197 -3.65 2.89 7.27
C SER A 197 -4.27 4.14 7.89
N THR A 198 -5.53 4.06 8.29
CA THR A 198 -6.15 5.18 9.04
C THR A 198 -5.32 5.53 10.29
N LYS A 199 -4.94 4.56 11.12
CA LYS A 199 -4.09 4.78 12.30
C LYS A 199 -2.67 5.28 11.94
N ALA A 200 -2.13 4.82 10.80
CA ALA A 200 -0.79 5.23 10.42
C ALA A 200 -0.82 6.69 10.00
N VAL A 201 -1.85 7.06 9.26
CA VAL A 201 -1.99 8.42 8.83
C VAL A 201 -2.05 9.36 10.04
N GLN A 202 -2.85 8.98 11.04
CA GLN A 202 -3.02 9.80 12.28
C GLN A 202 -1.67 9.90 12.99
N HIS A 203 -0.99 8.75 13.14
CA HIS A 203 0.32 8.71 13.77
C HIS A 203 1.28 9.70 13.15
N PHE A 204 1.34 9.67 11.82
CA PHE A 204 2.33 10.45 11.11
C PHE A 204 1.94 11.92 10.98
N TYR A 205 0.64 12.20 10.93
CA TYR A 205 0.21 13.59 10.93
C TYR A 205 0.62 14.25 12.28
N ASN A 206 0.53 13.48 13.35
CA ASN A 206 0.95 13.90 14.67
C ASN A 206 2.44 14.14 14.69
N ILE A 207 3.21 13.18 14.17
CA ILE A 207 4.64 13.39 13.98
C ILE A 207 4.97 14.68 13.23
N LYS A 208 4.23 14.95 12.16
CA LYS A 208 4.43 16.21 11.42
C LYS A 208 4.15 17.52 12.21
N LEU A 209 3.03 17.59 12.95
CA LEU A 209 2.68 18.75 13.75
C LEU A 209 3.77 19.03 14.75
N GLU A 210 4.08 18.03 15.56
CA GLU A 210 5.23 17.98 16.44
C GLU A 210 6.60 18.36 15.84
N GLY A 211 6.73 18.38 14.52
CA GLY A 211 7.89 18.93 13.80
C GLY A 211 9.31 18.49 14.20
N LYS A 212 9.48 17.35 14.87
CA LYS A 212 10.86 16.86 15.13
C LYS A 212 11.48 16.03 13.98
N VAL A 213 10.65 15.59 13.05
CA VAL A 213 11.10 14.71 12.01
C VAL A 213 10.89 15.47 10.73
N PRO A 214 11.97 15.72 9.94
CA PRO A 214 11.86 16.42 8.66
C PRO A 214 11.09 15.58 7.65
N MET A 215 10.23 16.21 6.86
CA MET A 215 9.55 15.46 5.80
C MET A 215 9.60 16.17 4.48
N HIS A 216 9.52 15.40 3.41
CA HIS A 216 9.64 15.97 2.07
C HIS A 216 8.30 16.35 1.55
N LYS A 217 8.30 17.15 0.49
CA LYS A 217 7.10 17.81 -0.07
C LYS A 217 5.97 16.81 -0.41
N LEU A 218 6.31 15.77 -1.15
CA LEU A 218 5.32 14.82 -1.65
C LEU A 218 4.63 14.13 -0.43
N PHE A 219 5.43 13.53 0.45
CA PHE A 219 4.90 12.87 1.66
C PHE A 219 4.07 13.86 2.47
N LEU A 220 4.54 15.12 2.62
CA LEU A 220 3.73 16.15 3.35
C LEU A 220 2.42 16.52 2.70
N GLU A 221 2.41 16.65 1.37
CA GLU A 221 1.19 16.89 0.62
C GLU A 221 0.15 15.76 0.87
N MET A 222 0.64 14.51 0.84
CA MET A 222 -0.27 13.35 1.00
C MET A 222 -0.75 13.33 2.44
N LEU A 223 0.18 13.52 3.37
CA LEU A 223 -0.16 13.64 4.76
C LEU A 223 -1.20 14.74 4.97
N GLU A 224 -1.04 15.90 4.32
CA GLU A 224 -1.96 17.05 4.49
C GLU A 224 -3.36 16.90 3.85
N ALA A 225 -3.53 16.01 2.87
CA ALA A 225 -4.87 15.81 2.26
C ALA A 225 -5.83 15.09 3.22
N LYS A 226 -7.14 15.26 3.01
CA LYS A 226 -8.18 15.00 4.05
C LYS A 226 -7.87 14.11 5.30
N VAL A 227 -7.37 14.77 6.36
CA VAL A 227 -7.13 14.16 7.69
C VAL A 227 -7.22 15.20 8.82
#